data_6D9D
#
_entry.id   6D9D
#
_cell.length_a   98.240
_cell.length_b   98.240
_cell.length_c   127.620
_cell.angle_alpha   90.000
_cell.angle_beta   90.000
_cell.angle_gamma   90.000
#
_symmetry.space_group_name_H-M   'P 41 21 2'
#
loop_
_entity.id
_entity.type
_entity.pdbx_description
1 polymer 'UDP-galactopyranose mutase'
2 non-polymer 'FLAVIN-ADENINE DINUCLEOTIDE'
3 non-polymer 'SODIUM ION'
4 non-polymer URIDINE-DIPHOSPHATE-N-ACETYLGLUCOSAMINE
5 non-polymer 'ISOPROPYL ALCOHOL'
6 water water
#
_entity_poly.entity_id   1
_entity_poly.type   'polypeptide(L)'
_entity_poly.pdbx_seq_one_letter_code
;MSDFDLIVVGSGLFGLTVAERAASQLGKKVLIVEKRSHLGGNAYSEAEPETGIEIHKYGAHLFHTSNKRVWDYVNQFTAF
TGYQHRVFAMHNGTAYQFPMGLGLINQFFGRYYTPDEARELIKEQSAEIDSKDATNLEEKAISLIGRPLYEAFIRDYTAK
QWQTDPKELPAGNITRLPVRYNFDNRYFNDTYEGLPVDGYAQWLSNMADHENIEVRLDTDWFEVREDLRAQNPEAPVVYT
GPLDRYFDYSEGHLGWRTLDFETEVLNTGDFQGTPVMNYNDAEFPYTRIHEFRHFHPEREDRHPKDKTVIMKEYSRFAEE
GDEPYYPINTPSDREMLFKYRELADAETESGKVYFGGRLGTYQYLDMHMAIASALSMFDNKLVDALKHHHHHH
;
_entity_poly.pdbx_strand_id   A
#
loop_
_chem_comp.id
_chem_comp.type
_chem_comp.name
_chem_comp.formula
FAD non-polymer 'FLAVIN-ADENINE DINUCLEOTIDE' 'C27 H33 N9 O15 P2'
IPA non-polymer 'ISOPROPYL ALCOHOL' 'C3 H8 O'
NA non-polymer 'SODIUM ION' 'Na 1'
UD1 non-polymer URIDINE-DIPHOSPHATE-N-ACETYLGLUCOSAMINE 'C17 H27 N3 O17 P2'
#
# COMPACT_ATOMS: atom_id res chain seq x y z
N SER A 2 -7.67 -36.02 1.47
CA SER A 2 -8.75 -35.12 1.06
C SER A 2 -8.36 -34.26 -0.14
N ASP A 3 -9.35 -33.61 -0.75
CA ASP A 3 -9.09 -32.72 -1.88
C ASP A 3 -8.32 -31.46 -1.46
N PHE A 4 -8.46 -31.05 -0.19
CA PHE A 4 -7.65 -29.95 0.34
C PHE A 4 -7.39 -30.12 1.83
N ASP A 5 -6.25 -29.60 2.28
CA ASP A 5 -5.87 -29.65 3.69
C ASP A 5 -6.00 -28.29 4.37
N LEU A 6 -6.10 -27.25 3.55
CA LEU A 6 -6.11 -25.88 4.04
C LEU A 6 -6.91 -25.05 3.08
N ILE A 7 -7.73 -24.16 3.62
CA ILE A 7 -8.44 -23.19 2.80
C ILE A 7 -7.89 -21.79 3.07
N VAL A 8 -7.59 -21.04 2.00
CA VAL A 8 -7.16 -19.65 2.15
C VAL A 8 -8.20 -18.75 1.49
N VAL A 9 -8.76 -17.81 2.25
CA VAL A 9 -9.71 -16.87 1.68
C VAL A 9 -9.00 -15.59 1.28
N GLY A 10 -8.96 -15.30 -0.02
CA GLY A 10 -8.34 -14.10 -0.55
C GLY A 10 -6.96 -14.41 -1.10
N SER A 11 -6.63 -13.86 -2.27
CA SER A 11 -5.34 -14.13 -2.89
C SER A 11 -4.46 -12.87 -2.99
N GLY A 12 -4.50 -12.01 -1.98
CA GLY A 12 -3.54 -10.92 -1.86
C GLY A 12 -2.20 -11.49 -1.45
N LEU A 13 -1.22 -10.64 -1.17
CA LEU A 13 0.11 -11.15 -0.84
C LEU A 13 0.09 -11.96 0.45
N PHE A 14 -0.79 -11.61 1.39
CA PHE A 14 -0.88 -12.40 2.62
C PHE A 14 -1.37 -13.83 2.28
N GLY A 15 -2.53 -13.92 1.64
CA GLY A 15 -3.07 -15.22 1.24
C GLY A 15 -2.13 -16.05 0.38
N LEU A 16 -1.52 -15.42 -0.63
CA LEU A 16 -0.61 -16.14 -1.53
C LEU A 16 0.59 -16.70 -0.79
N THR A 17 1.10 -15.94 0.18
CA THR A 17 2.28 -16.37 0.90
C THR A 17 1.96 -17.59 1.78
N VAL A 18 0.86 -17.51 2.50
CA VAL A 18 0.45 -18.61 3.35
C VAL A 18 0.18 -19.90 2.55
N ALA A 19 -0.57 -19.76 1.46
CA ALA A 19 -0.85 -20.85 0.54
C ALA A 19 0.42 -21.48 -0.03
N GLU A 20 1.31 -20.66 -0.57
CA GLU A 20 2.55 -21.16 -1.15
C GLU A 20 3.46 -21.87 -0.10
N ARG A 21 3.54 -21.36 1.13
CA ARG A 21 4.36 -22.02 2.16
C ARG A 21 3.76 -23.37 2.58
N ALA A 22 2.44 -23.43 2.77
CA ALA A 22 1.80 -24.68 3.12
C ALA A 22 1.99 -25.72 1.98
N ALA A 23 1.82 -25.26 0.74
CA ALA A 23 1.96 -26.13 -0.41
C ALA A 23 3.38 -26.67 -0.58
N SER A 24 4.38 -25.80 -0.51
CA SER A 24 5.74 -26.22 -0.85
C SER A 24 6.55 -26.73 0.33
N GLN A 25 6.27 -26.23 1.54
CA GLN A 25 7.08 -26.61 2.70
C GLN A 25 6.47 -27.75 3.51
N LEU A 26 5.14 -27.81 3.54
CA LEU A 26 4.47 -28.86 4.30
C LEU A 26 3.85 -29.90 3.37
N GLY A 27 3.94 -29.66 2.07
CA GLY A 27 3.36 -30.58 1.09
C GLY A 27 1.83 -30.71 1.17
N LYS A 28 1.15 -29.68 1.69
CA LYS A 28 -0.30 -29.72 1.84
C LYS A 28 -1.08 -29.26 0.60
N LYS A 29 -2.29 -29.77 0.43
CA LYS A 29 -3.17 -29.33 -0.64
C LYS A 29 -3.86 -28.07 -0.17
N VAL A 30 -3.79 -27.01 -0.97
CA VAL A 30 -4.37 -25.74 -0.57
C VAL A 30 -5.39 -25.29 -1.58
N LEU A 31 -6.56 -24.92 -1.08
CA LEU A 31 -7.61 -24.32 -1.87
C LEU A 31 -7.67 -22.81 -1.59
N ILE A 32 -7.46 -22.00 -2.62
CA ILE A 32 -7.58 -20.55 -2.50
C ILE A 32 -8.91 -20.11 -3.08
N VAL A 33 -9.68 -19.39 -2.26
CA VAL A 33 -10.98 -18.83 -2.65
C VAL A 33 -10.83 -17.32 -2.82
N GLU A 34 -11.12 -16.81 -4.02
CA GLU A 34 -10.92 -15.39 -4.31
C GLU A 34 -12.17 -14.80 -4.95
N LYS A 35 -12.66 -13.72 -4.37
CA LYS A 35 -13.88 -13.08 -4.81
C LYS A 35 -13.76 -12.39 -6.18
N ARG A 36 -12.61 -11.78 -6.46
CA ARG A 36 -12.42 -11.05 -7.72
C ARG A 36 -12.15 -11.99 -8.89
N SER A 37 -12.03 -11.43 -10.09
N SER A 37 -12.04 -11.41 -10.09
CA SER A 37 -11.82 -12.23 -11.29
CA SER A 37 -11.82 -12.18 -11.32
C SER A 37 -10.34 -12.48 -11.57
C SER A 37 -10.34 -12.52 -11.55
N HIS A 38 -9.49 -12.11 -10.63
CA HIS A 38 -8.05 -12.31 -10.77
C HIS A 38 -7.35 -12.55 -9.42
N LEU A 39 -6.12 -13.08 -9.46
CA LEU A 39 -5.25 -13.24 -8.29
C LEU A 39 -4.60 -11.93 -7.87
N GLY A 40 -4.05 -11.89 -6.67
CA GLY A 40 -3.13 -10.81 -6.32
C GLY A 40 -3.64 -9.68 -5.46
N GLY A 41 -4.95 -9.62 -5.23
CA GLY A 41 -5.50 -8.53 -4.44
C GLY A 41 -5.22 -7.19 -5.09
N ASN A 42 -4.93 -6.16 -4.30
CA ASN A 42 -4.75 -4.82 -4.85
C ASN A 42 -3.39 -4.61 -5.56
N ALA A 43 -2.47 -5.55 -5.38
CA ALA A 43 -1.15 -5.49 -6.05
C ALA A 43 -1.22 -5.89 -7.53
N TYR A 44 -2.31 -6.53 -7.93
CA TYR A 44 -2.51 -6.93 -9.33
C TYR A 44 -2.36 -5.76 -10.31
N SER A 45 -1.69 -6.01 -11.43
CA SER A 45 -1.56 -5.00 -12.50
C SER A 45 -1.97 -5.62 -13.83
N GLU A 46 -2.21 -4.80 -14.84
CA GLU A 46 -2.64 -5.31 -16.15
C GLU A 46 -2.21 -4.38 -17.28
N ALA A 47 -2.18 -4.90 -18.49
CA ALA A 47 -1.91 -4.06 -19.66
C ALA A 47 -3.10 -3.17 -19.96
N GLU A 48 -2.83 -1.89 -20.17
CA GLU A 48 -3.85 -1.01 -20.70
C GLU A 48 -4.03 -1.41 -22.18
N PRO A 49 -5.29 -1.59 -22.62
CA PRO A 49 -5.62 -2.15 -23.94
C PRO A 49 -5.07 -1.35 -25.15
N GLU A 50 -5.21 -0.03 -25.14
CA GLU A 50 -4.76 0.79 -26.28
C GLU A 50 -3.23 0.83 -26.47
N THR A 51 -2.48 0.88 -25.38
CA THR A 51 -1.03 1.08 -25.44
C THR A 51 -0.18 -0.15 -25.04
N GLY A 52 -0.77 -1.06 -24.28
CA GLY A 52 -0.03 -2.19 -23.78
C GLY A 52 0.78 -1.89 -22.52
N ILE A 53 0.78 -0.63 -22.07
CA ILE A 53 1.53 -0.23 -20.88
C ILE A 53 0.97 -0.87 -19.60
N GLU A 54 1.85 -1.37 -18.74
CA GLU A 54 1.39 -1.97 -17.49
C GLU A 54 0.87 -0.91 -16.53
N ILE A 55 -0.36 -1.08 -16.07
CA ILE A 55 -0.99 -0.14 -15.17
C ILE A 55 -1.61 -0.84 -13.97
N HIS A 56 -2.00 -0.04 -12.98
CA HIS A 56 -2.70 -0.53 -11.79
C HIS A 56 -4.09 0.07 -11.71
N LYS A 57 -5.05 -0.71 -11.20
CA LYS A 57 -6.40 -0.18 -10.95
C LYS A 57 -6.71 0.00 -9.47
N TYR A 58 -5.85 -0.51 -8.60
CA TYR A 58 -6.08 -0.34 -7.15
C TYR A 58 -4.91 0.36 -6.46
N GLY A 59 -4.29 1.31 -7.17
CA GLY A 59 -3.16 2.06 -6.65
C GLY A 59 -1.83 1.63 -7.23
N ALA A 60 -0.92 2.57 -7.43
CA ALA A 60 0.43 2.22 -7.88
C ALA A 60 1.15 1.46 -6.75
N HIS A 61 1.92 0.44 -7.09
CA HIS A 61 2.57 -0.43 -6.10
C HIS A 61 4.07 -0.40 -6.29
N LEU A 62 4.78 0.07 -5.27
CA LEU A 62 6.25 0.16 -5.31
C LEU A 62 6.82 -0.81 -4.30
N PHE A 63 7.67 -1.73 -4.73
CA PHE A 63 8.20 -2.72 -3.78
C PHE A 63 9.53 -2.27 -3.18
N HIS A 64 9.65 -2.36 -1.86
CA HIS A 64 10.87 -1.95 -1.16
C HIS A 64 10.91 -2.63 0.21
N THR A 65 12.08 -3.09 0.63
CA THR A 65 12.19 -3.69 1.97
C THR A 65 13.65 -3.75 2.45
N SER A 66 13.82 -3.80 3.76
CA SER A 66 15.13 -4.03 4.37
C SER A 66 15.16 -5.39 5.05
N ASN A 67 14.07 -6.14 4.89
CA ASN A 67 13.94 -7.48 5.43
C ASN A 67 14.50 -8.52 4.43
N LYS A 68 15.70 -9.06 4.71
CA LYS A 68 16.38 -9.92 3.75
C LYS A 68 15.64 -11.25 3.53
N ARG A 69 15.03 -11.78 4.58
CA ARG A 69 14.24 -13.00 4.46
C ARG A 69 13.13 -12.78 3.43
N VAL A 70 12.42 -11.67 3.55
CA VAL A 70 11.35 -11.33 2.61
C VAL A 70 11.89 -11.15 1.19
N TRP A 71 13.02 -10.47 1.06
CA TRP A 71 13.63 -10.21 -0.26
C TRP A 71 14.03 -11.51 -0.95
N ASP A 72 14.68 -12.41 -0.21
CA ASP A 72 15.08 -13.71 -0.75
C ASP A 72 13.84 -14.51 -1.13
N TYR A 73 12.82 -14.45 -0.28
CA TYR A 73 11.56 -15.13 -0.57
C TYR A 73 10.93 -14.66 -1.88
N VAL A 74 10.74 -13.35 -2.07
CA VAL A 74 10.00 -12.90 -3.24
C VAL A 74 10.79 -13.16 -4.51
N ASN A 75 12.11 -13.21 -4.41
CA ASN A 75 12.92 -13.43 -5.61
C ASN A 75 12.86 -14.88 -6.11
N GLN A 76 12.19 -15.75 -5.37
CA GLN A 76 11.96 -17.11 -5.87
C GLN A 76 10.91 -17.09 -6.96
N PHE A 77 10.09 -16.04 -6.96
CA PHE A 77 8.91 -16.00 -7.82
C PHE A 77 8.99 -14.95 -8.93
N THR A 78 9.90 -13.99 -8.79
CA THR A 78 10.08 -13.00 -9.85
C THR A 78 11.44 -12.39 -9.67
N ALA A 79 12.02 -11.91 -10.77
CA ALA A 79 13.18 -11.04 -10.72
C ALA A 79 12.65 -9.63 -10.58
N PHE A 80 13.50 -8.71 -10.12
CA PHE A 80 13.16 -7.30 -9.95
C PHE A 80 14.08 -6.41 -10.77
N THR A 81 13.53 -5.33 -11.31
CA THR A 81 14.36 -4.35 -12.00
C THR A 81 15.16 -3.54 -10.98
N GLY A 82 16.09 -2.74 -11.48
CA GLY A 82 16.85 -1.82 -10.63
C GLY A 82 16.16 -0.47 -10.42
N TYR A 83 14.85 -0.43 -10.61
CA TYR A 83 14.07 0.81 -10.43
C TYR A 83 14.22 1.40 -9.02
N GLN A 84 14.45 2.71 -8.96
CA GLN A 84 14.47 3.46 -7.72
C GLN A 84 13.42 4.57 -7.80
N HIS A 85 12.48 4.55 -6.88
CA HIS A 85 11.43 5.55 -6.84
C HIS A 85 11.99 6.92 -6.48
N ARG A 86 11.66 7.89 -7.30
CA ARG A 86 11.89 9.30 -7.05
C ARG A 86 10.57 10.05 -7.32
N VAL A 87 10.30 11.07 -6.51
CA VAL A 87 9.07 11.84 -6.60
C VAL A 87 9.42 13.33 -6.76
N PHE A 88 8.58 14.06 -7.49
CA PHE A 88 8.66 15.52 -7.61
C PHE A 88 7.37 16.17 -7.08
N ALA A 89 7.47 17.38 -6.56
CA ALA A 89 6.31 18.05 -5.94
C ALA A 89 5.98 19.36 -6.67
N MET A 90 4.79 19.42 -7.27
CA MET A 90 4.38 20.61 -8.01
C MET A 90 3.75 21.62 -7.06
N HIS A 91 4.40 22.77 -6.92
CA HIS A 91 3.85 23.85 -6.10
C HIS A 91 3.95 25.18 -6.81
N ASN A 92 2.81 25.81 -7.03
CA ASN A 92 2.75 27.14 -7.62
C ASN A 92 3.45 27.22 -8.98
N GLY A 93 3.19 26.25 -9.84
CA GLY A 93 3.77 26.25 -11.17
C GLY A 93 5.21 25.76 -11.31
N THR A 94 5.84 25.33 -10.22
CA THR A 94 7.20 24.79 -10.29
C THR A 94 7.29 23.35 -9.77
N ALA A 95 8.05 22.51 -10.47
CA ALA A 95 8.36 21.15 -10.00
C ALA A 95 9.55 21.17 -9.05
N TYR A 96 9.31 20.88 -7.78
CA TYR A 96 10.37 20.83 -6.77
C TYR A 96 10.92 19.41 -6.61
N GLN A 97 12.23 19.32 -6.46
CA GLN A 97 12.87 18.12 -5.96
C GLN A 97 12.22 17.79 -4.61
N PHE A 98 12.12 16.50 -4.32
CA PHE A 98 11.34 16.03 -3.21
C PHE A 98 11.93 14.66 -2.81
N PRO A 99 11.86 14.27 -1.53
CA PRO A 99 11.36 14.98 -0.33
C PRO A 99 12.21 16.20 0.01
N MET A 100 11.82 16.91 1.07
CA MET A 100 12.55 18.13 1.47
C MET A 100 14.00 17.84 1.74
N GLY A 101 14.86 18.58 1.04
CA GLY A 101 16.30 18.40 1.15
C GLY A 101 17.00 19.60 0.55
N LEU A 102 18.31 19.52 0.37
CA LEU A 102 19.07 20.67 -0.15
C LEU A 102 18.55 21.16 -1.50
N GLY A 103 17.99 20.25 -2.29
CA GLY A 103 17.45 20.59 -3.59
C GLY A 103 16.22 21.50 -3.48
N LEU A 104 15.21 21.01 -2.76
CA LEU A 104 14.00 21.77 -2.52
C LEU A 104 14.32 23.10 -1.83
N ILE A 105 15.16 23.03 -0.81
CA ILE A 105 15.56 24.21 -0.04
C ILE A 105 16.17 25.29 -0.93
N ASN A 106 17.08 24.90 -1.82
CA ASN A 106 17.61 25.84 -2.80
C ASN A 106 16.53 26.43 -3.68
N GLN A 107 15.64 25.59 -4.20
CA GLN A 107 14.63 26.04 -5.15
C GLN A 107 13.61 26.96 -4.46
N PHE A 108 13.32 26.68 -3.21
CA PHE A 108 12.24 27.36 -2.54
C PHE A 108 12.70 28.66 -1.90
N PHE A 109 13.84 28.61 -1.19
CA PHE A 109 14.38 29.79 -0.51
C PHE A 109 15.31 30.64 -1.41
N GLY A 110 15.52 30.21 -2.65
CA GLY A 110 16.11 31.08 -3.66
C GLY A 110 17.60 31.01 -3.93
N ARG A 111 18.37 30.36 -3.05
CA ARG A 111 19.80 30.18 -3.29
C ARG A 111 20.30 28.93 -2.56
N TYR A 112 21.53 28.52 -2.86
CA TYR A 112 22.11 27.31 -2.30
C TYR A 112 22.46 27.41 -0.81
N TYR A 113 21.95 26.46 -0.03
CA TYR A 113 22.36 26.28 1.37
C TYR A 113 23.20 25.01 1.49
N THR A 114 24.36 25.15 2.11
CA THR A 114 25.20 24.02 2.48
C THR A 114 24.46 23.17 3.51
N PRO A 115 24.87 21.90 3.69
CA PRO A 115 24.23 21.08 4.73
C PRO A 115 24.15 21.81 6.09
N ASP A 116 25.26 22.40 6.52
CA ASP A 116 25.27 23.05 7.84
C ASP A 116 24.40 24.30 7.86
N GLU A 117 24.46 25.08 6.77
CA GLU A 117 23.58 26.24 6.61
C GLU A 117 22.10 25.86 6.55
N ALA A 118 21.79 24.73 5.92
CA ALA A 118 20.39 24.31 5.87
C ALA A 118 19.91 23.90 7.28
N ARG A 119 20.76 23.22 8.05
CA ARG A 119 20.39 22.86 9.42
C ARG A 119 20.04 24.11 10.23
N GLU A 120 20.86 25.15 10.09
CA GLU A 120 20.64 26.42 10.74
C GLU A 120 19.33 27.06 10.29
N LEU A 121 19.08 27.07 8.97
CA LEU A 121 17.84 27.65 8.42
C LEU A 121 16.59 27.00 9.00
N ILE A 122 16.61 25.68 9.09
CA ILE A 122 15.47 24.93 9.59
C ILE A 122 15.24 25.19 11.09
N LYS A 123 16.34 25.29 11.85
CA LYS A 123 16.25 25.67 13.25
C LYS A 123 15.57 27.05 13.40
N GLU A 124 16.00 28.03 12.60
CA GLU A 124 15.37 29.36 12.58
C GLU A 124 13.88 29.31 12.25
N GLN A 125 13.54 28.65 11.16
CA GLN A 125 12.17 28.62 10.68
C GLN A 125 11.21 27.95 11.64
N SER A 126 11.71 26.95 12.36
CA SER A 126 10.85 26.11 13.19
C SER A 126 10.87 26.53 14.65
N ALA A 127 11.59 27.61 14.95
CA ALA A 127 11.80 28.07 16.32
C ALA A 127 10.48 28.52 16.96
N GLU A 128 9.55 28.92 16.10
CA GLU A 128 8.26 29.43 16.50
C GLU A 128 7.48 28.57 17.52
N ILE A 129 7.33 27.27 17.24
CA ILE A 129 6.62 26.37 18.14
C ILE A 129 7.51 25.22 18.56
N ASP A 130 7.46 24.86 19.84
CA ASP A 130 8.19 23.67 20.30
C ASP A 130 7.34 22.41 20.15
N SER A 131 7.94 21.37 19.58
CA SER A 131 7.23 20.13 19.27
C SER A 131 6.55 19.53 20.50
N LYS A 132 7.10 19.75 21.68
CA LYS A 132 6.47 19.28 22.90
C LYS A 132 5.19 20.07 23.23
N ASP A 133 5.03 21.25 22.63
CA ASP A 133 3.88 22.12 22.93
C ASP A 133 2.78 22.08 21.87
N ALA A 134 3.01 21.27 20.82
CA ALA A 134 2.08 21.20 19.69
C ALA A 134 0.82 20.39 20.03
N THR A 135 -0.34 20.91 19.63
CA THR A 135 -1.63 20.29 19.96
C THR A 135 -2.28 19.53 18.79
N ASN A 136 -1.89 19.86 17.57
CA ASN A 136 -2.41 19.20 16.37
C ASN A 136 -1.34 18.98 15.31
N LEU A 137 -1.76 18.52 14.13
CA LEU A 137 -0.84 18.21 13.04
C LEU A 137 -0.17 19.47 12.51
N GLU A 138 -0.98 20.49 12.21
CA GLU A 138 -0.46 21.76 11.75
C GLU A 138 0.69 22.28 12.64
N GLU A 139 0.45 22.34 13.94
CA GLU A 139 1.46 22.87 14.87
C GLU A 139 2.68 21.98 14.95
N LYS A 140 2.47 20.67 14.95
CA LYS A 140 3.57 19.73 15.05
C LYS A 140 4.46 19.86 13.80
N ALA A 141 3.83 20.01 12.64
CA ALA A 141 4.56 20.25 11.39
C ALA A 141 5.37 21.55 11.44
N ILE A 142 4.69 22.64 11.80
CA ILE A 142 5.36 23.94 11.91
C ILE A 142 6.47 23.90 12.95
N SER A 143 6.24 23.20 14.05
CA SER A 143 7.26 23.06 15.08
C SER A 143 8.51 22.35 14.56
N LEU A 144 8.40 21.63 13.44
CA LEU A 144 9.53 20.89 12.91
C LEU A 144 10.19 21.58 11.72
N ILE A 145 9.40 22.17 10.81
CA ILE A 145 9.99 22.72 9.59
C ILE A 145 9.69 24.18 9.29
N GLY A 146 8.79 24.80 10.07
CA GLY A 146 8.47 26.20 9.88
C GLY A 146 7.21 26.41 9.05
N ARG A 147 6.63 27.60 9.09
CA ARG A 147 5.40 27.90 8.35
C ARG A 147 5.53 27.93 6.83
N PRO A 148 6.56 28.62 6.30
CA PRO A 148 6.63 28.62 4.83
C PRO A 148 6.68 27.22 4.21
N LEU A 149 7.55 26.34 4.69
CA LEU A 149 7.62 24.98 4.16
C LEU A 149 6.31 24.23 4.40
N TYR A 150 5.78 24.31 5.63
CA TYR A 150 4.51 23.66 5.94
C TYR A 150 3.39 24.09 5.00
N GLU A 151 3.25 25.39 4.80
CA GLU A 151 2.14 25.91 4.00
C GLU A 151 2.28 25.64 2.51
N ALA A 152 3.52 25.52 2.04
CA ALA A 152 3.77 25.25 0.63
C ALA A 152 3.63 23.75 0.25
N PHE A 153 4.15 22.85 1.09
CA PHE A 153 4.29 21.44 0.71
C PHE A 153 3.54 20.45 1.57
N ILE A 154 2.98 20.88 2.69
CA ILE A 154 2.32 19.93 3.58
C ILE A 154 0.83 20.17 3.77
N ARG A 155 0.43 21.44 3.94
CA ARG A 155 -0.93 21.78 4.35
C ARG A 155 -2.04 21.27 3.43
N ASP A 156 -2.03 21.70 2.16
CA ASP A 156 -3.09 21.34 1.23
C ASP A 156 -3.05 19.87 0.83
N TYR A 157 -1.84 19.32 0.68
CA TYR A 157 -1.72 17.92 0.33
C TYR A 157 -2.35 17.07 1.42
N THR A 158 -2.03 17.40 2.66
CA THR A 158 -2.54 16.67 3.81
C THR A 158 -4.07 16.83 3.90
N ALA A 159 -4.54 18.06 3.69
CA ALA A 159 -5.98 18.35 3.68
C ALA A 159 -6.71 17.51 2.63
N LYS A 160 -6.12 17.38 1.45
CA LYS A 160 -6.73 16.57 0.39
C LYS A 160 -6.79 15.08 0.73
N GLN A 161 -5.72 14.53 1.31
CA GLN A 161 -5.69 13.10 1.63
C GLN A 161 -6.63 12.72 2.77
N TRP A 162 -6.73 13.59 3.76
CA TRP A 162 -7.53 13.30 4.93
C TRP A 162 -8.92 13.94 4.86
N GLN A 163 -9.16 14.81 3.88
CA GLN A 163 -10.43 15.53 3.78
C GLN A 163 -10.76 16.30 5.05
N THR A 164 -9.73 16.82 5.70
CA THR A 164 -9.85 17.46 7.01
C THR A 164 -8.82 18.56 7.13
N ASP A 165 -9.18 19.65 7.79
CA ASP A 165 -8.20 20.66 8.14
C ASP A 165 -7.16 20.06 9.08
N PRO A 166 -5.88 20.28 8.78
CA PRO A 166 -4.77 19.78 9.59
C PRO A 166 -4.80 20.25 11.05
N LYS A 167 -5.48 21.35 11.35
CA LYS A 167 -5.64 21.77 12.74
C LYS A 167 -6.47 20.77 13.54
N GLU A 168 -7.15 19.86 12.85
CA GLU A 168 -8.04 18.90 13.49
C GLU A 168 -7.47 17.50 13.49
N LEU A 169 -6.16 17.40 13.29
CA LEU A 169 -5.54 16.08 13.19
C LEU A 169 -4.53 15.88 14.32
N PRO A 170 -4.25 14.63 14.71
CA PRO A 170 -3.43 14.41 15.89
C PRO A 170 -1.98 14.88 15.71
N ALA A 171 -1.40 15.54 16.70
CA ALA A 171 0.02 15.87 16.67
C ALA A 171 0.87 14.61 16.42
N GLY A 172 0.33 13.46 16.81
CA GLY A 172 1.01 12.18 16.65
C GLY A 172 1.18 11.66 15.23
N ASN A 173 0.60 12.35 14.24
CA ASN A 173 0.72 11.91 12.86
C ASN A 173 2.08 12.22 12.26
N ILE A 174 2.81 13.15 12.87
CA ILE A 174 4.18 13.41 12.45
C ILE A 174 5.16 13.06 13.58
N THR A 175 6.10 12.18 13.30
CA THR A 175 6.93 11.65 14.37
C THR A 175 8.42 11.92 14.16
N ARG A 176 8.80 12.40 12.98
CA ARG A 176 10.21 12.72 12.75
C ARG A 176 10.40 13.89 11.78
N LEU A 177 11.62 14.42 11.76
CA LEU A 177 12.00 15.52 10.88
C LEU A 177 11.92 15.09 9.41
N PRO A 178 11.00 15.70 8.67
CA PRO A 178 10.94 15.29 7.27
C PRO A 178 11.92 16.06 6.38
N VAL A 179 13.11 16.40 6.88
CA VAL A 179 14.09 17.14 6.06
C VAL A 179 15.47 16.46 5.96
N ARG A 180 15.99 16.32 4.74
CA ARG A 180 17.33 15.77 4.55
C ARG A 180 18.34 16.86 4.36
N TYR A 181 19.52 16.71 4.95
CA TYR A 181 20.52 17.76 4.81
C TYR A 181 21.58 17.40 3.78
N ASN A 182 21.13 16.76 2.71
CA ASN A 182 21.99 16.48 1.57
C ASN A 182 21.14 16.52 0.30
N PHE A 183 21.73 16.18 -0.85
CA PHE A 183 21.01 16.21 -2.12
C PHE A 183 20.40 14.85 -2.53
N ASP A 184 20.34 13.90 -1.60
CA ASP A 184 19.82 12.57 -1.91
C ASP A 184 18.30 12.59 -2.03
N ASN A 185 17.78 12.37 -3.24
CA ASN A 185 16.32 12.33 -3.39
C ASN A 185 15.77 10.92 -3.73
N ARG A 186 16.50 9.87 -3.40
CA ARG A 186 15.94 8.52 -3.35
C ARG A 186 14.72 8.58 -2.46
N TYR A 187 13.54 8.21 -2.94
CA TYR A 187 12.35 8.34 -2.09
C TYR A 187 12.32 7.37 -0.89
N PHE A 188 12.60 6.08 -1.13
CA PHE A 188 12.60 5.09 -0.03
C PHE A 188 14.02 4.89 0.50
N ASN A 189 14.10 4.51 1.78
CA ASN A 189 15.38 4.28 2.45
C ASN A 189 15.74 2.81 2.61
N ASP A 190 15.04 1.91 1.94
CA ASP A 190 15.25 0.48 2.21
C ASP A 190 16.40 -0.15 1.43
N THR A 191 17.00 -1.17 2.03
CA THR A 191 18.09 -1.90 1.40
C THR A 191 17.72 -2.42 0.00
N TYR A 192 16.55 -3.03 -0.13
CA TYR A 192 16.16 -3.65 -1.41
C TYR A 192 14.99 -2.94 -2.04
N GLU A 193 15.03 -2.79 -3.36
CA GLU A 193 13.97 -2.09 -4.04
C GLU A 193 13.94 -2.45 -5.52
N GLY A 194 12.74 -2.53 -6.11
CA GLY A 194 12.63 -2.66 -7.55
C GLY A 194 11.20 -2.98 -7.95
N LEU A 195 10.98 -3.24 -9.24
CA LEU A 195 9.66 -3.67 -9.71
C LEU A 195 9.80 -5.04 -10.39
N PRO A 196 8.76 -5.88 -10.29
CA PRO A 196 8.80 -7.22 -10.95
C PRO A 196 9.09 -7.05 -12.45
N VAL A 197 10.10 -7.75 -12.95
CA VAL A 197 10.54 -7.58 -14.34
C VAL A 197 9.39 -7.81 -15.34
N ASP A 198 8.55 -8.81 -15.09
CA ASP A 198 7.45 -9.11 -16.01
C ASP A 198 6.10 -8.68 -15.47
N GLY A 199 6.09 -7.78 -14.49
CA GLY A 199 4.87 -7.22 -13.98
C GLY A 199 4.35 -7.93 -12.75
N TYR A 200 3.42 -7.29 -12.04
CA TYR A 200 2.88 -7.87 -10.82
C TYR A 200 2.05 -9.13 -11.10
N ALA A 201 1.23 -9.09 -12.16
CA ALA A 201 0.34 -10.22 -12.47
C ALA A 201 1.14 -11.51 -12.64
N GLN A 202 2.26 -11.45 -13.37
CA GLN A 202 3.09 -12.64 -13.54
C GLN A 202 3.72 -13.09 -12.23
N TRP A 203 4.16 -12.14 -11.42
CA TRP A 203 4.76 -12.49 -10.13
C TRP A 203 3.74 -13.22 -9.25
N LEU A 204 2.57 -12.63 -9.08
CA LEU A 204 1.59 -13.15 -8.12
C LEU A 204 1.02 -14.48 -8.65
N SER A 205 0.88 -14.58 -9.96
CA SER A 205 0.47 -15.83 -10.59
C SER A 205 1.49 -16.95 -10.35
N ASN A 206 2.78 -16.63 -10.41
CA ASN A 206 3.81 -17.62 -10.10
C ASN A 206 3.74 -18.13 -8.66
N MET A 207 3.35 -17.28 -7.72
CA MET A 207 3.24 -17.73 -6.33
C MET A 207 2.18 -18.81 -6.17
N ALA A 208 1.07 -18.66 -6.87
CA ALA A 208 -0.03 -19.62 -6.76
C ALA A 208 0.15 -20.82 -7.72
N ASP A 209 1.22 -20.80 -8.51
CA ASP A 209 1.44 -21.87 -9.48
C ASP A 209 2.23 -23.01 -8.86
N HIS A 210 1.50 -23.99 -8.36
CA HIS A 210 2.09 -25.12 -7.62
C HIS A 210 1.15 -26.30 -7.72
N GLU A 211 1.70 -27.48 -7.89
CA GLU A 211 0.90 -28.69 -8.05
C GLU A 211 -0.09 -28.86 -6.90
N ASN A 212 0.28 -28.37 -5.71
CA ASN A 212 -0.57 -28.51 -4.53
C ASN A 212 -1.59 -27.40 -4.32
N ILE A 213 -1.67 -26.43 -5.24
CA ILE A 213 -2.54 -25.28 -5.04
C ILE A 213 -3.67 -25.22 -6.04
N GLU A 214 -4.89 -25.09 -5.53
CA GLU A 214 -6.05 -24.89 -6.37
C GLU A 214 -6.62 -23.49 -6.16
N VAL A 215 -6.93 -22.80 -7.25
CA VAL A 215 -7.47 -21.46 -7.15
C VAL A 215 -8.86 -21.39 -7.74
N ARG A 216 -9.82 -20.90 -6.96
CA ARG A 216 -11.16 -20.61 -7.47
C ARG A 216 -11.46 -19.12 -7.42
N LEU A 217 -11.45 -18.50 -8.59
CA LEU A 217 -11.76 -17.09 -8.76
C LEU A 217 -13.27 -16.88 -8.81
N ASP A 218 -13.67 -15.62 -8.78
CA ASP A 218 -15.08 -15.22 -8.77
C ASP A 218 -15.89 -16.01 -7.75
N THR A 219 -15.32 -16.23 -6.58
CA THR A 219 -15.96 -17.05 -5.55
C THR A 219 -15.91 -16.32 -4.19
N ASP A 220 -17.08 -15.96 -3.67
CA ASP A 220 -17.21 -15.36 -2.35
C ASP A 220 -17.24 -16.43 -1.25
N TRP A 221 -16.28 -16.37 -0.32
CA TRP A 221 -16.23 -17.29 0.81
C TRP A 221 -17.58 -17.52 1.50
N PHE A 222 -18.30 -16.43 1.77
CA PHE A 222 -19.54 -16.52 2.54
C PHE A 222 -20.65 -17.23 1.79
N GLU A 223 -20.49 -17.37 0.48
CA GLU A 223 -21.47 -18.11 -0.30
C GLU A 223 -21.10 -19.58 -0.46
N VAL A 224 -19.83 -19.94 -0.27
CA VAL A 224 -19.46 -21.33 -0.46
C VAL A 224 -18.97 -22.04 0.83
N ARG A 225 -18.86 -21.31 1.95
CA ARG A 225 -18.11 -21.88 3.08
C ARG A 225 -18.71 -23.15 3.71
N GLU A 226 -20.04 -23.22 3.79
CA GLU A 226 -20.65 -24.35 4.49
C GLU A 226 -20.38 -25.63 3.70
N ASP A 227 -20.52 -25.53 2.39
CA ASP A 227 -20.25 -26.64 1.50
C ASP A 227 -18.76 -27.06 1.54
N LEU A 228 -17.84 -26.10 1.47
CA LEU A 228 -16.41 -26.44 1.45
C LEU A 228 -15.98 -27.10 2.75
N ARG A 229 -16.34 -26.52 3.89
CA ARG A 229 -15.92 -27.08 5.16
C ARG A 229 -16.57 -28.45 5.42
N ALA A 230 -17.77 -28.68 4.88
CA ALA A 230 -18.39 -30.00 5.01
C ALA A 230 -17.57 -31.09 4.28
N GLN A 231 -16.80 -30.73 3.26
CA GLN A 231 -15.98 -31.70 2.54
C GLN A 231 -14.80 -32.20 3.36
N ASN A 232 -14.29 -31.33 4.23
CA ASN A 232 -13.19 -31.67 5.12
C ASN A 232 -13.25 -30.75 6.34
N PRO A 233 -14.04 -31.13 7.34
CA PRO A 233 -14.31 -30.32 8.55
C PRO A 233 -13.06 -29.90 9.31
N GLU A 234 -12.02 -30.73 9.26
CA GLU A 234 -10.79 -30.52 10.03
C GLU A 234 -9.81 -29.56 9.38
N ALA A 235 -10.04 -29.19 8.12
CA ALA A 235 -9.13 -28.27 7.44
C ALA A 235 -9.29 -26.87 8.01
N PRO A 236 -8.18 -26.26 8.47
CA PRO A 236 -8.23 -24.88 8.94
C PRO A 236 -8.47 -23.89 7.80
N VAL A 237 -8.93 -22.69 8.17
CA VAL A 237 -9.15 -21.61 7.24
C VAL A 237 -8.25 -20.42 7.59
N VAL A 238 -7.57 -19.85 6.61
CA VAL A 238 -6.94 -18.56 6.79
C VAL A 238 -7.77 -17.50 6.08
N TYR A 239 -8.39 -16.62 6.85
CA TYR A 239 -9.32 -15.65 6.29
C TYR A 239 -8.66 -14.29 6.17
N THR A 240 -8.62 -13.71 4.96
CA THR A 240 -8.06 -12.36 4.82
C THR A 240 -9.09 -11.36 4.27
N GLY A 241 -10.37 -11.73 4.35
CA GLY A 241 -11.44 -10.79 4.00
C GLY A 241 -11.68 -9.79 5.12
N PRO A 242 -12.70 -8.91 4.97
CA PRO A 242 -12.99 -7.91 6.00
C PRO A 242 -13.41 -8.54 7.34
N LEU A 243 -12.75 -8.06 8.39
CA LEU A 243 -12.97 -8.54 9.76
C LEU A 243 -14.40 -8.29 10.27
N ASP A 244 -14.91 -7.09 10.05
CA ASP A 244 -16.24 -6.76 10.57
C ASP A 244 -17.33 -7.50 9.81
N ARG A 245 -17.17 -7.63 8.50
CA ARG A 245 -18.13 -8.36 7.67
C ARG A 245 -18.22 -9.83 8.09
N TYR A 246 -17.08 -10.41 8.47
CA TYR A 246 -17.08 -11.81 8.92
C TYR A 246 -18.07 -12.03 10.05
N PHE A 247 -18.11 -11.09 11.00
CA PHE A 247 -19.01 -11.20 12.15
C PHE A 247 -20.27 -10.35 11.99
N ASP A 248 -20.72 -10.24 10.75
CA ASP A 248 -22.02 -9.64 10.39
C ASP A 248 -22.22 -8.25 10.96
N TYR A 249 -21.12 -7.49 11.06
CA TYR A 249 -21.11 -6.14 11.58
C TYR A 249 -21.78 -6.02 12.95
N SER A 250 -21.76 -7.11 13.72
CA SER A 250 -22.41 -7.15 15.03
C SER A 250 -21.88 -6.07 15.97
N GLU A 251 -20.68 -5.56 15.74
CA GLU A 251 -20.12 -4.52 16.59
C GLU A 251 -19.96 -3.19 15.83
N GLY A 252 -20.62 -3.10 14.68
CA GLY A 252 -20.56 -1.90 13.85
C GLY A 252 -19.61 -1.96 12.66
N HIS A 253 -19.70 -0.96 11.79
CA HIS A 253 -18.86 -0.87 10.61
C HIS A 253 -17.56 -0.11 10.86
N LEU A 254 -16.44 -0.80 10.62
CA LEU A 254 -15.14 -0.18 10.68
C LEU A 254 -15.00 0.79 9.52
N GLY A 255 -14.38 1.94 9.77
CA GLY A 255 -14.27 3.00 8.78
C GLY A 255 -12.95 3.05 8.02
N TRP A 256 -13.05 3.30 6.71
CA TRP A 256 -11.92 3.26 5.80
C TRP A 256 -11.86 4.48 4.90
N ARG A 257 -10.65 4.88 4.50
CA ARG A 257 -10.47 5.80 3.37
C ARG A 257 -10.45 4.99 2.06
N THR A 258 -10.96 5.58 0.99
CA THR A 258 -10.87 4.99 -0.33
C THR A 258 -10.17 5.97 -1.28
N LEU A 259 -9.98 5.53 -2.51
CA LEU A 259 -9.36 6.35 -3.54
C LEU A 259 -10.14 6.23 -4.84
N ASP A 260 -10.23 7.33 -5.59
CA ASP A 260 -10.76 7.32 -6.95
C ASP A 260 -9.62 7.50 -7.93
N PHE A 261 -9.60 6.69 -8.98
CA PHE A 261 -8.57 6.81 -9.99
C PHE A 261 -9.19 7.19 -11.34
N GLU A 262 -8.67 8.26 -11.91
CA GLU A 262 -9.09 8.75 -13.20
C GLU A 262 -7.97 8.50 -14.19
N THR A 263 -8.14 7.49 -15.03
CA THR A 263 -7.09 7.03 -15.93
C THR A 263 -7.34 7.46 -17.36
N GLU A 264 -6.36 8.12 -17.98
CA GLU A 264 -6.50 8.65 -19.33
C GLU A 264 -5.35 8.24 -20.25
N VAL A 265 -5.66 7.95 -21.51
CA VAL A 265 -4.63 7.79 -22.54
C VAL A 265 -4.47 9.10 -23.31
N LEU A 266 -3.26 9.66 -23.30
CA LEU A 266 -3.01 10.93 -23.93
C LEU A 266 -2.23 10.74 -25.22
N ASN A 267 -2.44 11.66 -26.16
CA ASN A 267 -1.76 11.57 -27.45
C ASN A 267 -0.43 12.32 -27.43
N THR A 268 0.40 11.95 -26.47
CA THR A 268 1.80 12.34 -26.43
C THR A 268 2.58 11.15 -25.87
N GLY A 269 3.86 11.06 -26.21
CA GLY A 269 4.71 10.00 -25.71
C GLY A 269 5.15 10.23 -24.26
N ASP A 270 5.01 11.44 -23.77
CA ASP A 270 5.51 11.78 -22.44
C ASP A 270 4.79 12.98 -21.83
N PHE A 271 3.99 12.73 -20.79
CA PHE A 271 3.18 13.77 -20.17
C PHE A 271 3.93 14.64 -19.16
N GLN A 272 4.72 14.02 -18.28
CA GLN A 272 5.41 14.79 -17.23
C GLN A 272 6.88 14.39 -17.02
N GLY A 273 7.36 13.40 -17.76
CA GLY A 273 8.79 13.07 -17.75
C GLY A 273 9.31 12.43 -16.47
N THR A 274 8.40 11.83 -15.70
CA THR A 274 8.73 11.23 -14.42
C THR A 274 7.52 10.39 -13.96
N PRO A 275 7.75 9.34 -13.16
CA PRO A 275 6.62 8.45 -12.81
C PRO A 275 5.56 9.12 -11.95
N VAL A 276 5.95 9.96 -10.99
CA VAL A 276 4.99 10.52 -10.05
C VAL A 276 5.23 12.01 -9.78
N MET A 277 4.18 12.82 -9.99
CA MET A 277 4.20 14.24 -9.68
C MET A 277 3.13 14.53 -8.62
N ASN A 278 3.54 14.91 -7.41
CA ASN A 278 2.59 15.31 -6.38
C ASN A 278 2.05 16.70 -6.74
N TYR A 279 0.77 16.93 -6.46
CA TYR A 279 0.18 18.27 -6.65
C TYR A 279 -0.17 18.84 -5.29
N ASN A 280 0.72 19.70 -4.79
CA ASN A 280 0.62 20.16 -3.43
C ASN A 280 -0.35 21.32 -3.18
N ASP A 281 -0.89 21.91 -4.25
CA ASP A 281 -1.76 23.08 -4.13
C ASP A 281 -3.24 22.72 -4.07
N ALA A 282 -4.00 23.45 -3.25
CA ALA A 282 -5.44 23.18 -3.09
C ALA A 282 -6.23 23.27 -4.41
N GLU A 283 -5.81 24.14 -5.34
CA GLU A 283 -6.55 24.31 -6.61
C GLU A 283 -6.64 23.05 -7.48
N PHE A 284 -5.77 22.07 -7.23
CA PHE A 284 -5.87 20.79 -7.94
C PHE A 284 -6.55 19.79 -7.03
N PRO A 285 -7.66 19.19 -7.50
CA PRO A 285 -8.45 18.33 -6.62
C PRO A 285 -7.75 16.99 -6.34
N TYR A 286 -6.94 16.51 -7.28
CA TYR A 286 -6.18 15.27 -7.09
C TYR A 286 -4.88 15.49 -6.29
N THR A 287 -4.40 14.44 -5.62
CA THR A 287 -3.18 14.58 -4.85
C THR A 287 -1.92 14.40 -5.69
N ARG A 288 -2.00 13.56 -6.73
CA ARG A 288 -0.82 13.29 -7.57
C ARG A 288 -1.22 12.64 -8.86
N ILE A 289 -0.32 12.73 -9.82
CA ILE A 289 -0.50 12.08 -11.11
C ILE A 289 0.61 11.05 -11.35
N HIS A 290 0.22 9.85 -11.74
CA HIS A 290 1.11 8.76 -12.10
C HIS A 290 1.20 8.63 -13.60
N GLU A 291 2.42 8.50 -14.13
CA GLU A 291 2.57 8.23 -15.55
C GLU A 291 3.30 6.91 -15.69
N PHE A 292 2.54 5.88 -16.09
CA PHE A 292 2.92 4.49 -15.84
C PHE A 292 4.10 3.99 -16.64
N ARG A 293 4.33 4.54 -17.83
CA ARG A 293 5.43 4.07 -18.68
C ARG A 293 6.79 4.26 -18.00
N HIS A 294 6.90 5.30 -17.16
CA HIS A 294 8.18 5.66 -16.55
C HIS A 294 8.56 4.75 -15.38
N PHE A 295 7.64 3.91 -14.92
CA PHE A 295 7.99 2.87 -13.95
C PHE A 295 8.80 1.77 -14.59
N HIS A 296 8.69 1.64 -15.93
CA HIS A 296 9.46 0.62 -16.65
C HIS A 296 10.19 1.19 -17.87
N PRO A 297 11.22 2.02 -17.64
CA PRO A 297 11.95 2.59 -18.78
C PRO A 297 12.66 1.48 -19.57
N GLU A 298 12.92 0.33 -18.95
CA GLU A 298 13.58 -0.77 -19.65
C GLU A 298 12.67 -1.35 -20.74
N ARG A 299 11.38 -0.97 -20.73
CA ARG A 299 10.41 -1.46 -21.73
C ARG A 299 10.13 -0.47 -22.86
N GLU A 300 10.98 0.53 -23.02
CA GLU A 300 10.69 1.64 -23.93
C GLU A 300 10.45 1.28 -25.39
N ASP A 301 11.06 0.23 -25.92
CA ASP A 301 10.81 0.00 -27.33
C ASP A 301 9.60 -0.91 -27.57
N ARG A 302 8.90 -1.27 -26.48
CA ARG A 302 7.58 -1.93 -26.56
C ARG A 302 6.46 -0.94 -26.25
N HIS A 303 6.83 0.21 -25.70
CA HIS A 303 5.87 1.27 -25.43
C HIS A 303 5.67 2.10 -26.69
N PRO A 304 4.47 2.65 -26.88
CA PRO A 304 4.21 3.51 -28.03
C PRO A 304 5.04 4.79 -27.98
N LYS A 305 5.48 5.28 -29.14
CA LYS A 305 6.25 6.51 -29.22
C LYS A 305 5.40 7.77 -29.02
N ASP A 306 4.08 7.65 -29.15
CA ASP A 306 3.22 8.83 -29.27
C ASP A 306 2.01 8.81 -28.35
N LYS A 307 1.94 7.81 -27.48
CA LYS A 307 0.85 7.75 -26.53
C LYS A 307 1.36 7.42 -25.13
N THR A 308 0.62 7.87 -24.13
CA THR A 308 0.99 7.57 -22.76
C THR A 308 -0.25 7.48 -21.88
N VAL A 309 -0.17 6.63 -20.85
CA VAL A 309 -1.24 6.51 -19.88
C VAL A 309 -0.90 7.25 -18.58
N ILE A 310 -1.79 8.15 -18.16
CA ILE A 310 -1.64 8.78 -16.86
C ILE A 310 -2.84 8.47 -15.97
N MET A 311 -2.69 8.78 -14.70
CA MET A 311 -3.74 8.51 -13.74
C MET A 311 -3.72 9.54 -12.63
N LYS A 312 -4.85 10.17 -12.38
CA LYS A 312 -5.00 11.13 -11.30
C LYS A 312 -5.63 10.45 -10.09
N GLU A 313 -5.17 10.83 -8.90
CA GLU A 313 -5.57 10.13 -7.69
C GLU A 313 -6.34 11.06 -6.78
N TYR A 314 -7.52 10.64 -6.38
CA TYR A 314 -8.39 11.41 -5.50
C TYR A 314 -8.67 10.62 -4.23
N SER A 315 -8.64 11.30 -3.10
CA SER A 315 -8.82 10.67 -1.81
C SER A 315 -10.16 11.06 -1.20
N ARG A 316 -10.85 10.10 -0.57
CA ARG A 316 -12.07 10.43 0.19
C ARG A 316 -12.49 9.30 1.11
N PHE A 317 -13.47 9.58 1.97
CA PHE A 317 -14.02 8.57 2.87
C PHE A 317 -14.74 7.48 2.07
N ALA A 318 -14.51 6.23 2.45
CA ALA A 318 -15.08 5.09 1.74
C ALA A 318 -16.53 4.86 2.11
N GLU A 319 -17.40 4.93 1.10
CA GLU A 319 -18.80 4.61 1.30
C GLU A 319 -19.14 3.25 0.69
N GLU A 320 -20.37 2.81 0.91
CA GLU A 320 -20.87 1.55 0.37
C GLU A 320 -20.65 1.46 -1.12
N GLY A 321 -19.99 0.38 -1.55
CA GLY A 321 -19.63 0.21 -2.94
C GLY A 321 -18.17 0.52 -3.20
N ASP A 322 -17.60 1.43 -2.41
CA ASP A 322 -16.20 1.85 -2.59
C ASP A 322 -15.24 0.80 -2.04
N GLU A 323 -14.10 0.64 -2.71
CA GLU A 323 -13.04 -0.23 -2.21
C GLU A 323 -12.45 0.34 -0.93
N PRO A 324 -12.44 -0.45 0.15
CA PRO A 324 -11.75 0.01 1.36
C PRO A 324 -10.23 -0.16 1.26
N TYR A 325 -9.47 0.92 1.39
CA TYR A 325 -8.01 0.91 1.20
C TYR A 325 -7.22 1.16 2.49
N TYR A 326 -7.53 2.25 3.19
CA TYR A 326 -6.82 2.64 4.41
C TYR A 326 -7.72 2.78 5.63
N PRO A 327 -7.39 2.08 6.72
CA PRO A 327 -8.13 2.23 7.97
C PRO A 327 -8.09 3.68 8.46
N ILE A 328 -9.21 4.20 8.94
CA ILE A 328 -9.23 5.58 9.43
C ILE A 328 -8.64 5.67 10.84
N ASN A 329 -9.02 4.71 11.68
CA ASN A 329 -8.50 4.58 13.06
C ASN A 329 -8.91 5.70 14.02
N THR A 330 -10.18 6.11 13.96
CA THR A 330 -10.74 6.97 15.00
C THR A 330 -10.81 6.16 16.29
N PRO A 331 -10.93 6.81 17.45
CA PRO A 331 -11.03 6.01 18.68
C PRO A 331 -12.29 5.15 18.65
N SER A 332 -13.30 5.56 17.90
CA SER A 332 -14.50 4.74 17.72
C SER A 332 -14.14 3.48 16.94
N ASP A 333 -13.28 3.65 15.93
CA ASP A 333 -12.83 2.52 15.13
C ASP A 333 -12.02 1.57 15.96
N ARG A 334 -11.04 2.12 16.69
CA ARG A 334 -10.21 1.35 17.60
C ARG A 334 -11.06 0.58 18.57
N GLU A 335 -12.13 1.20 19.05
CA GLU A 335 -13.01 0.56 20.01
C GLU A 335 -13.59 -0.73 19.46
N MET A 336 -14.23 -0.67 18.30
CA MET A 336 -14.89 -1.86 17.81
C MET A 336 -13.87 -2.88 17.30
N LEU A 337 -12.66 -2.43 16.95
CA LEU A 337 -11.59 -3.36 16.60
C LEU A 337 -11.21 -4.31 17.76
N PHE A 338 -11.02 -3.77 18.96
CA PHE A 338 -10.68 -4.63 20.10
C PHE A 338 -11.81 -5.63 20.37
N LYS A 339 -13.04 -5.19 20.15
CA LYS A 339 -14.19 -6.08 20.24
C LYS A 339 -14.17 -7.18 19.19
N TYR A 340 -13.76 -6.84 17.97
CA TYR A 340 -13.71 -7.82 16.89
C TYR A 340 -12.55 -8.80 17.10
N ARG A 341 -11.47 -8.31 17.71
CA ARG A 341 -10.32 -9.16 18.02
C ARG A 341 -10.65 -10.29 18.99
N GLU A 342 -11.62 -10.04 19.87
CA GLU A 342 -11.98 -11.05 20.85
C GLU A 342 -12.92 -12.06 20.20
N LEU A 343 -13.74 -11.57 19.29
CA LEU A 343 -14.55 -12.46 18.48
C LEU A 343 -13.66 -13.37 17.61
N ALA A 344 -12.67 -12.77 16.96
CA ALA A 344 -11.78 -13.51 16.08
C ALA A 344 -11.02 -14.57 16.85
N ASP A 345 -10.39 -14.18 17.95
CA ASP A 345 -9.64 -15.12 18.80
C ASP A 345 -10.50 -16.30 19.24
N ALA A 346 -11.78 -16.04 19.52
CA ALA A 346 -12.72 -17.10 19.89
C ALA A 346 -13.03 -18.01 18.71
N GLU A 347 -13.18 -17.41 17.54
CA GLU A 347 -13.46 -18.13 16.31
C GLU A 347 -12.27 -19.02 15.92
N THR A 348 -11.04 -18.59 16.22
CA THR A 348 -9.89 -19.44 15.95
C THR A 348 -9.93 -20.70 16.81
N GLU A 349 -10.25 -20.54 18.09
CA GLU A 349 -10.20 -21.67 19.00
C GLU A 349 -11.37 -22.62 18.77
N SER A 350 -12.54 -22.08 18.41
CA SER A 350 -13.71 -22.92 18.14
C SER A 350 -13.77 -23.46 16.71
N GLY A 351 -13.30 -22.68 15.73
CA GLY A 351 -13.51 -23.02 14.32
C GLY A 351 -12.29 -23.22 13.43
N LYS A 352 -11.09 -23.05 13.99
CA LYS A 352 -9.83 -23.14 13.25
C LYS A 352 -9.78 -22.14 12.08
N VAL A 353 -10.33 -20.95 12.31
CA VAL A 353 -10.25 -19.86 11.36
C VAL A 353 -9.26 -18.83 11.88
N TYR A 354 -8.19 -18.63 11.12
CA TYR A 354 -7.18 -17.62 11.43
C TYR A 354 -7.44 -16.33 10.64
N PHE A 355 -7.13 -15.20 11.25
CA PHE A 355 -7.38 -13.91 10.63
C PHE A 355 -6.07 -13.22 10.32
N GLY A 356 -5.92 -12.72 9.11
CA GLY A 356 -4.67 -12.09 8.72
C GLY A 356 -4.90 -11.13 7.59
N GLY A 357 -3.85 -10.40 7.21
CA GLY A 357 -3.93 -9.50 6.07
C GLY A 357 -4.54 -8.14 6.43
N ARG A 358 -4.57 -7.25 5.45
CA ARG A 358 -5.01 -5.87 5.62
C ARG A 358 -6.47 -5.81 6.08
N LEU A 359 -7.33 -6.53 5.38
CA LEU A 359 -8.75 -6.51 5.67
C LEU A 359 -9.07 -7.37 6.90
N GLY A 360 -8.34 -8.48 7.05
CA GLY A 360 -8.63 -9.39 8.15
C GLY A 360 -8.24 -8.83 9.51
N THR A 361 -7.35 -7.86 9.54
CA THR A 361 -6.88 -7.34 10.81
C THR A 361 -7.09 -5.82 10.96
N TYR A 362 -7.75 -5.19 10.00
CA TYR A 362 -7.94 -3.73 10.00
C TYR A 362 -6.63 -2.99 10.21
N GLN A 363 -5.67 -3.25 9.35
CA GLN A 363 -4.36 -2.62 9.46
C GLN A 363 -3.74 -2.50 8.10
N TYR A 364 -3.27 -1.30 7.77
CA TYR A 364 -2.60 -1.13 6.50
C TYR A 364 -1.28 -1.91 6.49
N LEU A 365 -1.04 -2.65 5.41
CA LEU A 365 0.21 -3.41 5.26
C LEU A 365 0.81 -3.19 3.90
N ASP A 366 2.07 -2.74 3.86
CA ASP A 366 2.84 -2.79 2.63
C ASP A 366 3.03 -4.26 2.24
N MET A 367 3.41 -4.49 0.99
CA MET A 367 3.60 -5.84 0.46
C MET A 367 4.60 -6.66 1.24
N HIS A 368 5.74 -6.09 1.57
CA HIS A 368 6.74 -6.84 2.35
C HIS A 368 6.30 -7.09 3.78
N MET A 369 5.47 -6.21 4.32
CA MET A 369 4.94 -6.37 5.66
C MET A 369 3.84 -7.44 5.67
N ALA A 370 3.05 -7.48 4.60
CA ALA A 370 2.07 -8.55 4.46
C ALA A 370 2.79 -9.90 4.36
N ILE A 371 3.84 -9.97 3.56
CA ILE A 371 4.60 -11.21 3.42
C ILE A 371 5.23 -11.66 4.77
N ALA A 372 5.87 -10.73 5.47
CA ALA A 372 6.47 -11.02 6.77
C ALA A 372 5.42 -11.52 7.76
N SER A 373 4.28 -10.85 7.79
CA SER A 373 3.19 -11.24 8.66
C SER A 373 2.66 -12.65 8.30
N ALA A 374 2.61 -12.94 7.01
CA ALA A 374 2.15 -14.27 6.58
C ALA A 374 3.18 -15.36 6.95
N LEU A 375 4.46 -15.06 6.71
CA LEU A 375 5.55 -15.97 7.05
C LEU A 375 5.52 -16.28 8.55
N SER A 376 5.14 -15.28 9.33
CA SER A 376 5.08 -15.45 10.78
C SER A 376 3.89 -16.30 11.19
N MET A 377 2.72 -16.02 10.63
CA MET A 377 1.56 -16.87 10.91
C MET A 377 1.83 -18.32 10.49
N PHE A 378 2.56 -18.50 9.39
CA PHE A 378 2.87 -19.84 8.92
C PHE A 378 3.72 -20.57 9.94
N ASP A 379 4.85 -19.93 10.30
CA ASP A 379 5.81 -20.49 11.25
C ASP A 379 5.22 -20.77 12.64
N ASN A 380 4.46 -19.83 13.17
CA ASN A 380 4.05 -19.91 14.58
C ASN A 380 2.69 -20.50 14.83
N LYS A 381 1.86 -20.57 13.79
CA LYS A 381 0.50 -21.08 13.96
C LYS A 381 0.14 -22.25 13.02
N LEU A 382 0.42 -22.10 11.73
CA LEU A 382 -0.14 -23.05 10.76
C LEU A 382 0.60 -24.39 10.75
N VAL A 383 1.92 -24.35 10.98
CA VAL A 383 2.71 -25.57 11.00
C VAL A 383 2.13 -26.52 12.05
N ASP A 384 1.81 -26.00 13.22
CA ASP A 384 1.18 -26.80 14.26
C ASP A 384 -0.24 -27.22 13.90
N ALA A 385 -1.05 -26.28 13.40
CA ALA A 385 -2.46 -26.58 13.13
C ALA A 385 -2.66 -27.58 11.98
N LEU A 386 -1.62 -27.80 11.18
CA LEU A 386 -1.75 -28.70 10.02
C LEU A 386 -1.07 -30.07 10.18
N LYS A 387 -0.58 -30.41 11.37
CA LYS A 387 0.07 -31.71 11.58
C LYS A 387 -0.91 -32.90 11.58
PA FAD B . -5.42 -7.57 -0.32
O1A FAD B . -4.55 -7.05 -1.39
O2A FAD B . -6.52 -6.60 -0.01
O5B FAD B . -6.02 -9.03 -0.66
C5B FAD B . -7.20 -9.53 0.00
C4B FAD B . -7.91 -10.37 -1.03
O4B FAD B . -9.05 -11.04 -0.44
C3B FAD B . -8.45 -9.60 -2.25
O3B FAD B . -8.03 -10.19 -3.47
C2B FAD B . -9.98 -9.64 -2.04
O2B FAD B . -10.69 -9.65 -3.28
C1B FAD B . -10.12 -10.98 -1.35
N9A FAD B . -11.39 -11.16 -0.62
C8A FAD B . -12.01 -10.26 0.20
N7A FAD B . -13.14 -10.68 0.70
C5A FAD B . -13.27 -11.96 0.18
C6A FAD B . -14.28 -12.93 0.29
N6A FAD B . -15.38 -12.79 1.04
N1A FAD B . -14.13 -14.08 -0.40
C2A FAD B . -13.04 -14.23 -1.16
N3A FAD B . -12.02 -13.40 -1.34
C4A FAD B . -12.20 -12.26 -0.64
N1 FAD B . 2.24 -1.97 -0.75
C2 FAD B . 3.54 -1.69 -1.00
O2 FAD B . 4.45 -2.38 -0.52
N3 FAD B . 3.87 -0.60 -1.83
C4 FAD B . 2.97 0.24 -2.46
O4 FAD B . 3.37 1.13 -3.20
C4X FAD B . 1.58 -0.06 -2.16
N5 FAD B . 0.66 0.72 -2.65
C5X FAD B . -0.66 0.44 -2.32
C6 FAD B . -1.68 1.31 -2.76
C7 FAD B . -3.01 1.09 -2.40
C7M FAD B . -4.06 2.11 -2.79
C8 FAD B . -3.35 -0.03 -1.62
C8M FAD B . -4.77 -0.31 -1.24
C9 FAD B . -2.34 -0.89 -1.18
C9A FAD B . -1.02 -0.66 -1.51
N10 FAD B . 0.02 -1.47 -1.00
C10 FAD B . 1.32 -1.19 -1.29
C1' FAD B . -0.31 -2.62 -0.17
C2' FAD B . -0.46 -3.91 -1.00
O2' FAD B . -1.66 -3.87 -1.79
C3' FAD B . -0.41 -5.16 -0.13
O3' FAD B . 0.02 -6.25 -0.92
C4' FAD B . -1.71 -5.58 0.56
O4' FAD B . -2.13 -4.58 1.48
C5' FAD B . -1.47 -6.91 1.24
O5' FAD B . -2.51 -7.22 2.19
P FAD B . -3.46 -8.46 1.79
O1P FAD B . -2.93 -9.61 1.04
O2P FAD B . -4.20 -8.92 3.03
O3P FAD B . -4.64 -7.68 1.06
NA NA C . 10.57 24.10 17.03
C1' UD1 D . 1.90 6.05 2.17
C2' UD1 D . 2.04 5.00 3.27
C3' UD1 D . 2.92 3.88 2.72
C4' UD1 D . 2.26 3.29 1.48
C5' UD1 D . 1.88 4.38 0.47
C6' UD1 D . 0.99 3.86 -0.65
C7' UD1 D . 3.70 5.83 4.95
C8' UD1 D . 3.84 6.39 6.33
N2' UD1 D . 2.46 5.49 4.58
O1' UD1 D . 3.19 6.40 1.65
O3' UD1 D . 3.16 2.89 3.73
O4' UD1 D . 3.16 2.38 0.83
O5' UD1 D . 1.18 5.47 1.09
O6' UD1 D . -0.12 3.15 -0.15
O7' UD1 D . 4.67 5.73 4.20
N1 UD1 D . 2.99 14.65 2.69
C2 UD1 D . 2.87 16.00 2.41
N3 UD1 D . 3.21 16.37 1.13
C4 UD1 D . 3.66 15.55 0.12
C5 UD1 D . 3.78 14.17 0.49
C6 UD1 D . 3.45 13.77 1.72
O2 UD1 D . 2.50 16.82 3.24
O4 UD1 D . 3.94 16.04 -0.98
C1B UD1 D . 2.58 14.20 4.03
C2B UD1 D . 1.05 14.24 4.25
O2' UD1 D . 0.72 14.55 5.60
C3B UD1 D . 0.67 12.82 3.85
C4B UD1 D . 1.84 12.00 4.38
O4B UD1 D . 2.99 12.86 4.22
O3B UD1 D . -0.59 12.42 4.43
C5B UD1 D . 2.08 10.72 3.62
O5B UD1 D . 2.18 11.06 2.22
PA UD1 D . 1.88 9.97 1.06
O1A UD1 D . 1.92 10.56 -0.30
O2A UD1 D . 0.57 9.24 1.31
O3A UD1 D . 3.08 8.96 1.34
PB UD1 D . 3.56 7.63 0.60
O1B UD1 D . 5.00 7.78 0.28
O2B UD1 D . 2.74 7.49 -0.70
C1 IPA E . 10.08 32.54 2.77
C2 IPA E . 10.83 32.11 1.53
C3 IPA E . 11.71 33.23 1.02
O2 IPA E . 9.92 31.70 0.53
C1 IPA F . 13.90 -15.49 -12.14
C2 IPA F . 13.23 -16.04 -10.90
C3 IPA F . 14.07 -17.14 -10.29
O2 IPA F . 11.95 -16.55 -11.22
C1 IPA G . -13.92 13.31 -8.52
C2 IPA G . -13.40 12.09 -9.24
C3 IPA G . -14.37 10.93 -9.11
O2 IPA G . -13.23 12.40 -10.61
C1 IPA H . -4.04 16.70 -19.24
C2 IPA H . -4.02 16.67 -17.72
C3 IPA H . -3.58 18.00 -17.14
O2 IPA H . -5.33 16.38 -17.28
#